data_4UTL
#
_entry.id   4UTL
#
_cell.length_a   57.812
_cell.length_b   83.525
_cell.length_c   157.331
_cell.angle_alpha   90.00
_cell.angle_beta   90.00
_cell.angle_gamma   90.00
#
_symmetry.space_group_name_H-M   'I 2 2 2'
#
loop_
_entity.id
_entity.type
_entity.pdbx_description
1 polymer 'XENOBIOTIC REDUCTASE'
2 non-polymer 1-DEOXY-1-(7,8-DIMETHYL-2,4-DIOXO-3,4-DIHYDRO-2H-BENZO[G]PTERIDIN-1-ID-10(5H)-YL)-5-O-PHOSPHONATO-D-RIBITOL
3 non-polymer COUMARIN
4 non-polymer 'SULFATE ION'
5 water water
#
_entity_poly.entity_id   1
_entity_poly.type   'polypeptide(L)'
_entity_poly.pdbx_seq_one_letter_code
;GHMSALFEPYTLKDVTLRNRIAIPPMCQYMAEDGMINDWHHVHLAGLARGGAGLLVVEATAVAPEGRITPGCAGIWSDAH
AQAFVPVVQAIKAAGSVPGIQIAHAGRKASANRPWEGDDHIAADDTRGWETIAPSAIAFGAHLPKVPREMTLDDIARVKQ
DFVDAARRARDAGFEWIELHFAHGFLGQSFFSEHSNKRTDAYGGSFDNRSRFLLETLAAVREVWPENLPLTARFGVLEYD
GRDEQTLEESIELARRFKAGGLDLLSVSVGFTIPDTNIPWGPAFMGPIAERVRREAKLPVTSAWGFGTPQLAEAALQANQ
LDLVSVGRAHLADPHWAYFAAKELGVEKASWTLPAPYAHWLERYR
;
_entity_poly.pdbx_strand_id   A
#
loop_
_chem_comp.id
_chem_comp.type
_chem_comp.name
_chem_comp.formula
COU non-polymer COUMARIN 'C9 H6 O2'
FNR non-polymer 1-DEOXY-1-(7,8-DIMETHYL-2,4-DIOXO-3,4-DIHYDRO-2H-BENZO[G]PTERIDIN-1-ID-10(5H)-YL)-5-O-PHOSPHONATO-D-RIBITOL 'C17 H23 N4 O9 P'
SO4 non-polymer 'SULFATE ION' 'O4 S -2'
#
# COMPACT_ATOMS: atom_id res chain seq x y z
N SER A 4 -18.32 -14.04 13.90
CA SER A 4 -17.01 -14.17 13.29
CA SER A 4 -17.03 -14.16 13.24
C SER A 4 -16.25 -12.85 13.37
N ALA A 5 -14.99 -12.92 13.80
CA ALA A 5 -14.14 -11.73 13.93
C ALA A 5 -13.98 -11.03 12.58
N LEU A 6 -13.94 -11.80 11.51
CA LEU A 6 -13.74 -11.21 10.19
C LEU A 6 -14.85 -10.25 9.80
N PHE A 7 -16.04 -10.48 10.36
CA PHE A 7 -17.20 -9.69 10.01
C PHE A 7 -17.62 -8.69 11.08
N GLU A 8 -16.72 -8.41 12.02
CA GLU A 8 -16.95 -7.34 12.99
CA GLU A 8 -16.95 -7.35 12.99
C GLU A 8 -16.52 -6.02 12.37
N PRO A 9 -17.30 -4.95 12.58
CA PRO A 9 -16.89 -3.64 12.08
CA PRO A 9 -16.89 -3.64 12.09
C PRO A 9 -15.62 -3.13 12.77
N TYR A 10 -14.98 -2.14 12.15
CA TYR A 10 -13.75 -1.54 12.66
C TYR A 10 -13.87 -0.02 12.50
N THR A 11 -13.59 0.71 13.56
CA THR A 11 -13.58 2.16 13.51
C THR A 11 -12.17 2.69 13.74
N LEU A 12 -11.77 3.60 12.87
CA LEU A 12 -10.49 4.27 12.95
C LEU A 12 -10.74 5.73 12.61
N LYS A 13 -10.39 6.61 13.54
CA LYS A 13 -10.77 8.02 13.43
CA LYS A 13 -10.77 8.02 13.44
C LYS A 13 -12.27 8.09 13.18
N ASP A 14 -12.74 8.85 12.18
CA ASP A 14 -14.18 8.99 11.92
C ASP A 14 -14.74 7.96 10.94
N VAL A 15 -13.91 7.01 10.51
CA VAL A 15 -14.30 6.05 9.50
C VAL A 15 -14.63 4.69 10.14
N THR A 16 -15.77 4.15 9.75
CA THR A 16 -16.17 2.80 10.17
C THR A 16 -16.24 1.87 8.95
N LEU A 17 -15.49 0.79 9.03
CA LEU A 17 -15.50 -0.28 8.05
CA LEU A 17 -15.50 -0.29 8.05
C LEU A 17 -16.53 -1.33 8.47
N ARG A 18 -17.31 -1.84 7.52
CA ARG A 18 -18.38 -2.77 7.87
C ARG A 18 -17.88 -4.17 8.26
N ASN A 19 -16.61 -4.47 7.93
CA ASN A 19 -15.99 -5.72 8.33
C ASN A 19 -14.47 -5.54 8.28
N ARG A 20 -13.72 -6.61 8.56
CA ARG A 20 -12.26 -6.55 8.66
C ARG A 20 -11.56 -7.03 7.40
N ILE A 21 -12.31 -7.13 6.30
CA ILE A 21 -11.72 -7.50 5.02
C ILE A 21 -11.32 -6.25 4.28
N ALA A 22 -10.02 -6.13 4.00
CA ALA A 22 -9.48 -5.05 3.19
C ALA A 22 -8.99 -5.60 1.86
N ILE A 23 -9.26 -4.89 0.78
CA ILE A 23 -8.68 -5.20 -0.50
C ILE A 23 -7.45 -4.29 -0.63
N PRO A 24 -6.25 -4.89 -0.67
CA PRO A 24 -5.03 -4.08 -0.70
C PRO A 24 -4.84 -3.49 -2.09
N PRO A 25 -3.97 -2.49 -2.22
CA PRO A 25 -3.69 -1.92 -3.53
C PRO A 25 -3.17 -2.99 -4.49
N MET A 26 -3.73 -3.02 -5.69
CA MET A 26 -3.30 -3.95 -6.74
C MET A 26 -3.29 -3.26 -8.10
N CYS A 27 -2.10 -2.89 -8.53
CA CYS A 27 -1.84 -2.33 -9.86
C CYS A 27 -2.52 -3.11 -10.95
N GLN A 28 -3.15 -2.39 -11.86
CA GLN A 28 -3.87 -2.95 -12.98
C GLN A 28 -3.14 -2.74 -14.31
N TYR A 29 -2.23 -1.76 -14.37
CA TYR A 29 -1.40 -1.52 -15.56
C TYR A 29 -2.27 -1.13 -16.78
N MET A 30 -3.40 -0.45 -16.54
CA MET A 30 -4.39 -0.15 -17.57
C MET A 30 -4.63 1.35 -17.80
N ALA A 31 -3.88 2.20 -17.11
CA ALA A 31 -4.01 3.65 -17.28
C ALA A 31 -3.19 4.12 -18.47
N GLU A 32 -3.50 5.33 -18.94
CA GLU A 32 -2.81 5.93 -20.09
C GLU A 32 -2.35 7.32 -19.66
N ASP A 33 -1.03 7.54 -19.68
CA ASP A 33 -0.46 8.79 -19.20
CA ASP A 33 -0.42 8.77 -19.17
C ASP A 33 -0.98 9.12 -17.79
N GLY A 34 -1.12 8.09 -16.96
CA GLY A 34 -1.59 8.23 -15.60
C GLY A 34 -3.10 8.28 -15.42
N MET A 35 -3.85 8.46 -16.51
CA MET A 35 -5.29 8.68 -16.41
CA MET A 35 -5.29 8.67 -16.43
C MET A 35 -6.00 7.32 -16.34
N ILE A 36 -6.79 7.14 -15.29
CA ILE A 36 -7.60 5.93 -15.17
C ILE A 36 -8.79 6.01 -16.13
N ASN A 37 -9.49 4.90 -16.30
CA ASN A 37 -10.54 4.82 -17.29
C ASN A 37 -11.58 3.78 -16.86
N ASP A 38 -12.42 3.32 -17.79
CA ASP A 38 -13.49 2.40 -17.42
C ASP A 38 -12.98 1.03 -17.01
N TRP A 39 -11.73 0.69 -17.32
CA TRP A 39 -11.15 -0.52 -16.71
C TRP A 39 -11.26 -0.40 -15.18
N HIS A 40 -10.69 0.69 -14.65
CA HIS A 40 -10.62 0.89 -13.21
C HIS A 40 -11.98 1.11 -12.60
N HIS A 41 -12.84 1.85 -13.30
CA HIS A 41 -14.16 2.13 -12.74
C HIS A 41 -14.91 0.83 -12.44
N VAL A 42 -14.99 -0.05 -13.43
CA VAL A 42 -15.74 -1.29 -13.26
C VAL A 42 -15.05 -2.23 -12.29
N HIS A 43 -13.72 -2.32 -12.40
CA HIS A 43 -12.95 -3.18 -11.49
C HIS A 43 -13.19 -2.81 -10.05
N LEU A 44 -13.05 -1.53 -9.74
CA LEU A 44 -13.17 -1.06 -8.35
C LEU A 44 -14.61 -1.06 -7.83
N ALA A 45 -15.57 -0.61 -8.66
CA ALA A 45 -16.95 -0.63 -8.23
C ALA A 45 -17.41 -2.08 -8.00
N GLY A 46 -16.99 -3.00 -8.87
CA GLY A 46 -17.37 -4.39 -8.70
C GLY A 46 -16.82 -4.98 -7.42
N LEU A 47 -15.56 -4.67 -7.09
CA LEU A 47 -14.97 -5.14 -5.84
C LEU A 47 -15.70 -4.55 -4.65
N ALA A 48 -16.04 -3.28 -4.71
CA ALA A 48 -16.74 -2.65 -3.58
C ALA A 48 -18.08 -3.34 -3.30
N ARG A 49 -18.79 -3.72 -4.37
CA ARG A 49 -20.06 -4.40 -4.23
C ARG A 49 -19.93 -5.83 -3.69
N GLY A 50 -18.74 -6.41 -3.78
CA GLY A 50 -18.47 -7.76 -3.30
C GLY A 50 -18.50 -7.91 -1.80
N GLY A 51 -18.42 -6.80 -1.07
CA GLY A 51 -18.65 -6.80 0.36
C GLY A 51 -17.50 -6.38 1.26
N ALA A 52 -16.29 -6.24 0.73
CA ALA A 52 -15.16 -5.85 1.57
C ALA A 52 -15.42 -4.50 2.24
N GLY A 53 -14.92 -4.33 3.48
CA GLY A 53 -15.10 -3.10 4.20
C GLY A 53 -14.27 -1.93 3.69
N LEU A 54 -13.11 -2.23 3.13
CA LEU A 54 -12.16 -1.22 2.68
C LEU A 54 -11.59 -1.65 1.35
N LEU A 55 -11.54 -0.72 0.40
CA LEU A 55 -10.94 -0.95 -0.90
C LEU A 55 -9.88 0.12 -1.13
N VAL A 56 -8.61 -0.28 -1.18
CA VAL A 56 -7.52 0.64 -1.41
C VAL A 56 -7.11 0.56 -2.87
N VAL A 57 -7.26 1.69 -3.57
CA VAL A 57 -6.83 1.82 -4.96
C VAL A 57 -5.32 1.60 -5.07
N GLU A 58 -4.93 0.93 -6.16
CA GLU A 58 -3.55 0.65 -6.54
C GLU A 58 -2.59 1.80 -6.40
N ALA A 59 -1.30 1.45 -6.30
CA ALA A 59 -0.21 2.44 -6.29
C ALA A 59 -0.43 3.48 -7.37
N THR A 60 -0.62 4.73 -6.94
CA THR A 60 -0.94 5.84 -7.83
C THR A 60 0.20 6.84 -7.72
N ALA A 61 0.86 7.09 -8.85
CA ALA A 61 2.11 7.84 -8.87
C ALA A 61 1.89 9.31 -8.54
N VAL A 62 2.77 9.85 -7.69
CA VAL A 62 2.72 11.26 -7.32
C VAL A 62 3.38 12.15 -8.39
N ALA A 63 4.08 11.53 -9.35
CA ALA A 63 4.83 12.23 -10.38
C ALA A 63 5.00 11.26 -11.53
N PRO A 64 5.12 11.76 -12.78
CA PRO A 64 5.18 10.83 -13.92
C PRO A 64 6.32 9.80 -13.81
N GLU A 65 7.49 10.23 -13.37
CA GLU A 65 8.66 9.35 -13.29
C GLU A 65 8.55 8.36 -12.13
N GLY A 66 7.55 8.55 -11.28
CA GLY A 66 7.29 7.65 -10.16
C GLY A 66 6.32 6.52 -10.46
N ARG A 67 5.79 6.46 -11.67
CA ARG A 67 5.07 5.27 -12.11
C ARG A 67 6.02 4.08 -12.15
N ILE A 68 5.48 2.88 -11.90
CA ILE A 68 6.26 1.69 -12.16
C ILE A 68 6.39 1.50 -13.68
N THR A 69 5.27 1.63 -14.39
CA THR A 69 5.19 1.26 -15.79
C THR A 69 4.40 2.34 -16.56
N PRO A 70 4.39 2.25 -17.91
CA PRO A 70 3.52 3.15 -18.68
C PRO A 70 2.02 2.94 -18.46
N GLY A 71 1.62 1.87 -17.81
CA GLY A 71 0.20 1.65 -17.52
C GLY A 71 -0.23 2.05 -16.11
N CYS A 72 0.67 2.63 -15.33
CA CYS A 72 0.33 2.96 -13.97
C CYS A 72 -0.55 4.21 -13.85
N ALA A 73 -1.43 4.18 -12.87
CA ALA A 73 -2.26 5.34 -12.50
C ALA A 73 -1.39 6.44 -11.93
N GLY A 74 -1.86 7.67 -12.09
CA GLY A 74 -1.22 8.83 -11.54
C GLY A 74 -2.20 9.80 -10.95
N ILE A 75 -1.68 10.67 -10.08
CA ILE A 75 -2.48 11.71 -9.45
C ILE A 75 -1.65 13.00 -9.36
N TRP A 76 -0.84 13.23 -10.39
CA TRP A 76 0.12 14.33 -10.38
C TRP A 76 -0.43 15.64 -10.97
N SER A 77 -1.73 15.67 -11.27
CA SER A 77 -2.39 16.89 -11.71
C SER A 77 -3.83 16.84 -11.27
N ASP A 78 -4.49 17.98 -11.32
CA ASP A 78 -5.89 18.04 -10.91
C ASP A 78 -6.75 17.23 -11.89
N ALA A 79 -6.41 17.20 -13.16
CA ALA A 79 -7.17 16.41 -14.13
C ALA A 79 -7.10 14.92 -13.78
N HIS A 80 -5.93 14.46 -13.34
CA HIS A 80 -5.79 13.07 -12.93
C HIS A 80 -6.69 12.76 -11.73
N ALA A 81 -6.74 13.71 -10.80
CA ALA A 81 -7.53 13.55 -9.59
C ALA A 81 -9.01 13.51 -9.90
N GLN A 82 -9.45 14.35 -10.83
CA GLN A 82 -10.85 14.42 -11.15
CA GLN A 82 -10.85 14.43 -11.23
C GLN A 82 -11.34 13.09 -11.74
N ALA A 83 -10.46 12.37 -12.44
CA ALA A 83 -10.80 11.07 -13.02
C ALA A 83 -11.21 10.06 -11.93
N PHE A 84 -10.70 10.24 -10.71
CA PHE A 84 -11.07 9.37 -9.60
C PHE A 84 -12.44 9.66 -9.01
N VAL A 85 -12.98 10.85 -9.22
CA VAL A 85 -14.19 11.24 -8.50
C VAL A 85 -15.38 10.27 -8.72
N PRO A 86 -15.67 9.88 -9.97
CA PRO A 86 -16.81 8.96 -10.13
C PRO A 86 -16.53 7.58 -9.53
N VAL A 87 -15.28 7.15 -9.50
CA VAL A 87 -14.98 5.85 -8.94
C VAL A 87 -15.16 5.88 -7.41
N VAL A 88 -14.65 6.94 -6.78
CA VAL A 88 -14.85 7.12 -5.35
C VAL A 88 -16.34 7.08 -5.02
N GLN A 89 -17.13 7.79 -5.82
CA GLN A 89 -18.55 7.84 -5.59
C GLN A 89 -19.20 6.45 -5.75
N ALA A 90 -18.73 5.64 -6.69
CA ALA A 90 -19.26 4.29 -6.87
C ALA A 90 -18.87 3.37 -5.71
N ILE A 91 -17.65 3.53 -5.19
CA ILE A 91 -17.21 2.70 -4.06
C ILE A 91 -18.09 3.02 -2.85
N LYS A 92 -18.31 4.30 -2.60
CA LYS A 92 -19.17 4.71 -1.48
C LYS A 92 -20.61 4.23 -1.67
N ALA A 93 -21.14 4.25 -2.89
CA ALA A 93 -22.52 3.83 -3.14
C ALA A 93 -22.69 2.36 -2.77
N ALA A 94 -21.62 1.58 -2.88
CA ALA A 94 -21.62 0.17 -2.57
C ALA A 94 -21.39 -0.12 -1.08
N GLY A 95 -21.14 0.91 -0.28
CA GLY A 95 -20.94 0.76 1.16
C GLY A 95 -19.55 0.40 1.62
N SER A 96 -18.60 0.41 0.69
CA SER A 96 -17.21 0.20 1.07
C SER A 96 -16.53 1.55 1.29
N VAL A 97 -15.42 1.55 2.00
CA VAL A 97 -14.67 2.79 2.23
C VAL A 97 -13.58 2.90 1.16
N PRO A 98 -13.53 4.02 0.43
CA PRO A 98 -12.52 4.20 -0.62
C PRO A 98 -11.21 4.72 -0.05
N GLY A 99 -10.14 3.97 -0.29
CA GLY A 99 -8.81 4.42 -0.01
C GLY A 99 -7.94 4.48 -1.24
N ILE A 100 -6.77 5.09 -1.11
CA ILE A 100 -5.81 5.15 -2.20
C ILE A 100 -4.39 5.08 -1.65
N GLN A 101 -3.56 4.35 -2.37
CA GLN A 101 -2.13 4.29 -2.10
C GLN A 101 -1.40 5.24 -3.03
N ILE A 102 -0.68 6.21 -2.45
CA ILE A 102 0.10 7.17 -3.25
C ILE A 102 1.56 6.77 -3.17
N ALA A 103 2.24 6.87 -4.31
CA ALA A 103 3.48 6.11 -4.51
C ALA A 103 4.50 6.84 -5.39
N HIS A 104 5.74 6.37 -5.31
CA HIS A 104 6.80 6.75 -6.23
C HIS A 104 7.74 5.56 -6.34
N ALA A 105 7.87 5.00 -7.55
CA ALA A 105 8.58 3.75 -7.74
C ALA A 105 10.10 3.85 -7.66
N GLY A 106 10.66 5.05 -7.65
CA GLY A 106 12.09 5.16 -7.49
C GLY A 106 12.88 4.38 -8.53
N ARG A 107 13.86 3.59 -8.08
CA ARG A 107 14.74 2.90 -9.05
C ARG A 107 14.04 1.77 -9.79
N LYS A 108 12.89 1.36 -9.30
CA LYS A 108 12.11 0.30 -9.95
C LYS A 108 11.12 0.83 -11.00
N ALA A 109 11.16 2.14 -11.25
CA ALA A 109 10.31 2.76 -12.26
C ALA A 109 10.79 2.46 -13.69
N SER A 110 10.00 2.88 -14.66
CA SER A 110 10.32 2.74 -16.07
C SER A 110 10.49 1.29 -16.47
N ALA A 111 9.54 0.46 -16.01
CA ALA A 111 9.52 -0.97 -16.28
C ALA A 111 8.36 -1.36 -17.19
N ASN A 112 8.50 -2.49 -17.87
CA ASN A 112 7.40 -3.07 -18.61
C ASN A 112 6.33 -3.62 -17.71
N ARG A 113 5.11 -3.69 -18.24
CA ARG A 113 4.03 -4.41 -17.57
C ARG A 113 4.46 -5.86 -17.30
N PRO A 114 3.91 -6.48 -16.24
CA PRO A 114 4.41 -7.81 -15.85
C PRO A 114 4.22 -8.89 -16.92
N TRP A 115 3.19 -8.77 -17.76
CA TRP A 115 2.94 -9.73 -18.83
C TRP A 115 3.56 -9.26 -20.15
N GLU A 116 4.37 -8.20 -20.11
CA GLU A 116 5.07 -7.66 -21.26
C GLU A 116 6.59 -7.58 -20.97
N GLY A 117 7.08 -8.50 -20.14
CA GLY A 117 8.50 -8.64 -19.88
C GLY A 117 8.92 -8.39 -18.44
N ASP A 118 8.18 -7.52 -17.75
CA ASP A 118 8.39 -7.26 -16.32
C ASP A 118 9.74 -6.63 -15.99
N ASP A 119 10.47 -6.17 -17.02
CA ASP A 119 11.85 -5.72 -16.88
C ASP A 119 11.98 -4.24 -17.23
N HIS A 120 13.14 -3.67 -16.93
CA HIS A 120 13.34 -2.26 -17.28
C HIS A 120 13.17 -2.07 -18.79
N ILE A 121 12.50 -0.98 -19.16
CA ILE A 121 12.27 -0.63 -20.54
C ILE A 121 13.59 -0.30 -21.23
N ALA A 122 13.74 -0.79 -22.46
CA ALA A 122 14.95 -0.57 -23.24
C ALA A 122 15.23 0.92 -23.47
N ALA A 123 16.51 1.25 -23.60
CA ALA A 123 16.95 2.65 -23.66
C ALA A 123 16.34 3.42 -24.84
N ASP A 124 16.11 2.72 -25.93
CA ASP A 124 15.60 3.33 -27.16
C ASP A 124 14.08 3.24 -27.34
N ASP A 125 13.40 2.70 -26.34
CA ASP A 125 11.95 2.59 -26.37
C ASP A 125 11.39 3.96 -25.97
N THR A 126 10.55 4.54 -26.81
CA THR A 126 10.03 5.88 -26.57
C THR A 126 9.16 6.00 -25.34
N ARG A 127 8.83 4.87 -24.71
CA ARG A 127 7.98 4.91 -23.54
C ARG A 127 8.76 5.14 -22.23
N GLY A 128 10.08 4.94 -22.26
CA GLY A 128 10.87 4.90 -21.02
C GLY A 128 11.32 6.25 -20.51
N TRP A 129 11.87 6.26 -19.30
CA TRP A 129 12.33 7.49 -18.68
C TRP A 129 13.41 7.22 -17.67
N GLU A 130 14.14 8.26 -17.32
CA GLU A 130 15.17 8.19 -16.31
C GLU A 130 14.54 8.04 -14.92
N THR A 131 15.08 7.11 -14.15
CA THR A 131 14.62 6.87 -12.81
C THR A 131 15.45 7.66 -11.80
N ILE A 132 14.90 7.88 -10.62
CA ILE A 132 15.59 8.60 -9.55
C ILE A 132 15.59 7.77 -8.29
N ALA A 133 16.56 8.00 -7.42
CA ALA A 133 16.73 7.20 -6.22
C ALA A 133 17.66 7.91 -5.24
N PRO A 134 17.75 7.42 -3.99
CA PRO A 134 18.68 8.06 -3.06
C PRO A 134 20.13 8.02 -3.54
N SER A 135 20.51 6.92 -4.20
CA SER A 135 21.89 6.70 -4.66
C SER A 135 21.87 6.05 -6.05
N ALA A 136 22.93 6.28 -6.81
CA ALA A 136 23.05 5.75 -8.16
C ALA A 136 23.53 4.30 -8.16
N ILE A 137 22.61 3.42 -7.75
CA ILE A 137 22.85 1.98 -7.63
CA ILE A 137 22.88 1.99 -7.69
C ILE A 137 21.64 1.25 -8.18
N ALA A 138 21.87 0.34 -9.12
CA ALA A 138 20.79 -0.46 -9.70
C ALA A 138 20.30 -1.55 -8.75
N PHE A 139 19.02 -1.87 -8.85
CA PHE A 139 18.45 -3.04 -8.20
C PHE A 139 19.14 -4.31 -8.64
N GLY A 140 19.34 -4.46 -9.95
CA GLY A 140 19.96 -5.63 -10.53
C GLY A 140 18.95 -6.55 -11.17
N ALA A 141 19.39 -7.76 -11.49
CA ALA A 141 18.54 -8.75 -12.13
C ALA A 141 17.81 -8.12 -13.33
N HIS A 142 16.48 -8.18 -13.32
CA HIS A 142 15.65 -7.74 -14.45
C HIS A 142 15.39 -6.22 -14.44
N LEU A 143 15.94 -5.54 -13.43
CA LEU A 143 15.87 -4.10 -13.28
C LEU A 143 17.30 -3.51 -13.19
N PRO A 144 18.07 -3.61 -14.29
CA PRO A 144 19.47 -3.18 -14.30
C PRO A 144 19.72 -1.67 -14.44
N LYS A 145 18.71 -0.86 -14.71
CA LYS A 145 18.97 0.56 -14.94
C LYS A 145 19.50 1.24 -13.70
N VAL A 146 20.58 1.99 -13.87
CA VAL A 146 21.14 2.76 -12.77
C VAL A 146 20.34 4.05 -12.65
N PRO A 147 19.75 4.31 -11.48
CA PRO A 147 19.00 5.55 -11.30
C PRO A 147 19.92 6.77 -11.12
N ARG A 148 19.36 7.96 -11.33
CA ARG A 148 20.02 9.19 -11.01
C ARG A 148 19.91 9.49 -9.50
N GLU A 149 21.04 9.85 -8.89
CA GLU A 149 21.06 10.24 -7.49
CA GLU A 149 21.06 10.24 -7.49
C GLU A 149 20.33 11.56 -7.28
N MET A 150 19.34 11.57 -6.39
CA MET A 150 18.55 12.77 -6.14
C MET A 150 19.36 13.91 -5.52
N THR A 151 19.12 15.13 -5.97
CA THR A 151 19.59 16.33 -5.29
C THR A 151 18.65 16.67 -4.11
N LEU A 152 19.09 17.60 -3.26
CA LEU A 152 18.21 18.08 -2.21
C LEU A 152 16.95 18.72 -2.78
N ASP A 153 17.07 19.43 -3.89
CA ASP A 153 15.89 20.01 -4.52
CA ASP A 153 15.90 20.00 -4.54
C ASP A 153 14.95 18.91 -5.04
N ASP A 154 15.51 17.80 -5.54
CA ASP A 154 14.67 16.65 -5.95
C ASP A 154 13.89 16.10 -4.76
N ILE A 155 14.55 15.99 -3.61
CA ILE A 155 13.90 15.52 -2.40
C ILE A 155 12.76 16.45 -2.00
N ALA A 156 13.01 17.75 -2.01
CA ALA A 156 11.97 18.72 -1.70
C ALA A 156 10.81 18.59 -2.67
N ARG A 157 11.12 18.44 -3.95
CA ARG A 157 10.09 18.35 -4.98
CA ARG A 157 10.09 18.35 -4.98
C ARG A 157 9.22 17.09 -4.81
N VAL A 158 9.86 15.96 -4.55
CA VAL A 158 9.11 14.73 -4.42
C VAL A 158 8.25 14.81 -3.15
N LYS A 159 8.77 15.36 -2.06
CA LYS A 159 7.94 15.53 -0.88
C LYS A 159 6.71 16.36 -1.20
N GLN A 160 6.91 17.47 -1.91
CA GLN A 160 5.79 18.31 -2.27
C GLN A 160 4.81 17.58 -3.20
N ASP A 161 5.31 16.70 -4.07
CA ASP A 161 4.44 15.88 -4.91
C ASP A 161 3.58 14.95 -4.07
N PHE A 162 4.13 14.38 -2.98
CA PHE A 162 3.28 13.58 -2.07
C PHE A 162 2.23 14.44 -1.40
N VAL A 163 2.60 15.66 -0.98
CA VAL A 163 1.62 16.55 -0.40
C VAL A 163 0.50 16.88 -1.38
N ASP A 164 0.86 17.25 -2.60
CA ASP A 164 -0.13 17.58 -3.62
C ASP A 164 -1.03 16.38 -3.91
N ALA A 165 -0.44 15.18 -3.98
CA ALA A 165 -1.20 13.96 -4.21
C ALA A 165 -2.21 13.72 -3.09
N ALA A 166 -1.78 13.91 -1.84
CA ALA A 166 -2.67 13.73 -0.70
C ALA A 166 -3.81 14.75 -0.71
N ARG A 167 -3.50 16.00 -1.05
CA ARG A 167 -4.53 17.02 -1.15
CA ARG A 167 -4.51 17.04 -1.16
C ARG A 167 -5.54 16.68 -2.24
N ARG A 168 -5.06 16.22 -3.39
CA ARG A 168 -5.93 15.80 -4.46
C ARG A 168 -6.79 14.61 -4.06
N ALA A 169 -6.19 13.65 -3.36
CA ALA A 169 -6.96 12.50 -2.91
C ALA A 169 -8.08 12.92 -1.97
N ARG A 170 -7.75 13.82 -1.05
CA ARG A 170 -8.73 14.34 -0.12
C ARG A 170 -9.88 14.97 -0.88
N ASP A 171 -9.57 15.84 -1.83
CA ASP A 171 -10.60 16.56 -2.55
C ASP A 171 -11.37 15.71 -3.55
N ALA A 172 -10.85 14.54 -3.92
CA ALA A 172 -11.57 13.58 -4.78
C ALA A 172 -12.53 12.73 -3.95
N GLY A 173 -12.41 12.81 -2.63
CA GLY A 173 -13.33 12.18 -1.71
C GLY A 173 -12.83 10.90 -1.06
N PHE A 174 -11.57 10.56 -1.23
CA PHE A 174 -11.03 9.38 -0.55
C PHE A 174 -11.09 9.58 0.95
N GLU A 175 -11.35 8.49 1.67
CA GLU A 175 -11.53 8.50 3.14
C GLU A 175 -10.41 7.82 3.90
N TRP A 176 -9.36 7.42 3.19
CA TRP A 176 -8.29 6.60 3.72
C TRP A 176 -7.12 6.77 2.76
N ILE A 177 -5.94 7.08 3.28
CA ILE A 177 -4.76 7.23 2.43
C ILE A 177 -3.67 6.29 2.94
N GLU A 178 -2.88 5.75 2.01
CA GLU A 178 -1.75 4.90 2.34
C GLU A 178 -0.52 5.42 1.62
N LEU A 179 0.51 5.79 2.37
CA LEU A 179 1.79 6.18 1.78
C LEU A 179 2.59 4.91 1.46
N HIS A 180 3.02 4.79 0.21
CA HIS A 180 3.73 3.59 -0.23
C HIS A 180 5.21 3.66 0.08
N PHE A 181 5.58 3.21 1.26
CA PHE A 181 6.97 3.19 1.70
C PHE A 181 7.52 1.76 1.71
N ALA A 182 6.99 0.90 0.84
CA ALA A 182 7.39 -0.50 0.80
C ALA A 182 7.91 -0.92 -0.57
N HIS A 183 8.30 -2.18 -0.67
CA HIS A 183 8.44 -2.92 -1.92
C HIS A 183 9.59 -2.41 -2.80
N GLY A 184 10.55 -1.76 -2.18
CA GLY A 184 11.78 -1.39 -2.85
C GLY A 184 11.68 -0.11 -3.65
N PHE A 185 10.53 0.54 -3.53
CA PHE A 185 10.26 1.80 -4.22
C PHE A 185 10.95 2.94 -3.48
N LEU A 186 10.62 4.18 -3.81
CA LEU A 186 11.48 5.28 -3.38
C LEU A 186 11.64 5.35 -1.87
N GLY A 187 10.56 5.37 -1.14
CA GLY A 187 10.64 5.45 0.33
C GLY A 187 11.41 4.30 0.95
N GLN A 188 11.08 3.05 0.60
CA GLN A 188 11.79 1.90 1.14
C GLN A 188 13.28 2.05 0.83
N SER A 189 13.61 2.55 -0.35
CA SER A 189 15.02 2.63 -0.74
C SER A 189 15.81 3.70 0.02
N PHE A 190 15.13 4.73 0.52
CA PHE A 190 15.79 5.67 1.42
C PHE A 190 16.08 5.00 2.77
N PHE A 191 15.19 4.15 3.25
CA PHE A 191 15.40 3.55 4.56
C PHE A 191 16.53 2.50 4.55
N SER A 192 16.63 1.73 3.47
CA SER A 192 17.55 0.59 3.43
C SER A 192 18.99 0.99 3.16
N GLU A 193 19.90 0.44 3.95
CA GLU A 193 21.31 0.63 3.71
C GLU A 193 21.79 -0.03 2.41
N HIS A 194 21.03 -0.98 1.87
CA HIS A 194 21.42 -1.61 0.60
C HIS A 194 21.41 -0.60 -0.55
N SER A 195 20.45 0.30 -0.51
CA SER A 195 20.17 1.22 -1.60
C SER A 195 20.54 2.68 -1.31
N ASN A 196 20.68 3.01 -0.03
CA ASN A 196 20.99 4.39 0.35
C ASN A 196 22.41 4.48 0.88
N LYS A 197 23.28 5.04 0.06
CA LYS A 197 24.68 5.27 0.40
C LYS A 197 24.98 6.76 0.55
N ARG A 198 23.95 7.58 0.76
CA ARG A 198 24.13 9.02 0.85
C ARG A 198 24.93 9.38 2.10
N THR A 199 25.60 10.51 2.03
CA THR A 199 26.40 11.02 3.14
C THR A 199 25.94 12.42 3.58
N ASP A 200 24.79 12.85 3.07
CA ASP A 200 24.14 14.08 3.55
C ASP A 200 23.11 13.77 4.63
N ALA A 201 22.19 14.70 4.89
CA ALA A 201 21.22 14.54 5.95
C ALA A 201 20.25 13.38 5.70
N TYR A 202 20.24 12.84 4.48
CA TYR A 202 19.28 11.79 4.11
C TYR A 202 19.89 10.41 3.99
N GLY A 203 21.13 10.23 4.44
CA GLY A 203 21.69 8.90 4.56
C GLY A 203 22.71 8.77 5.67
N GLY A 204 23.07 7.53 5.97
N GLY A 204 23.16 7.53 5.89
CA GLY A 204 24.15 7.21 6.85
CA GLY A 204 24.12 7.22 6.93
C GLY A 204 24.00 7.03 8.35
C GLY A 204 23.40 6.60 8.10
N SER A 205 22.92 7.42 8.99
CA SER A 205 22.52 6.95 10.30
C SER A 205 21.05 6.54 10.18
N PHE A 206 20.53 5.91 11.21
CA PHE A 206 19.11 5.58 11.29
C PHE A 206 18.24 6.83 11.15
N ASP A 207 18.56 7.89 11.89
CA ASP A 207 17.80 9.12 11.80
C ASP A 207 17.82 9.70 10.39
N ASN A 208 18.98 9.65 9.74
CA ASN A 208 19.08 10.20 8.39
C ASN A 208 18.34 9.36 7.36
N ARG A 209 18.45 8.04 7.46
CA ARG A 209 17.73 7.16 6.55
C ARG A 209 16.23 7.24 6.74
N SER A 210 15.79 7.49 7.97
CA SER A 210 14.38 7.65 8.27
C SER A 210 13.83 8.99 7.79
N ARG A 211 14.72 9.97 7.56
CA ARG A 211 14.32 11.36 7.41
C ARG A 211 13.35 11.60 6.26
N PHE A 212 13.62 11.04 5.08
CA PHE A 212 12.72 11.26 3.94
C PHE A 212 11.30 10.77 4.29
N LEU A 213 11.22 9.61 4.95
CA LEU A 213 9.93 9.01 5.24
C LEU A 213 9.17 9.83 6.28
N LEU A 214 9.86 10.24 7.35
CA LEU A 214 9.23 11.00 8.41
C LEU A 214 8.87 12.40 7.95
N GLU A 215 9.73 13.03 7.15
CA GLU A 215 9.39 14.34 6.61
C GLU A 215 8.20 14.28 5.66
N THR A 216 8.12 13.22 4.85
CA THR A 216 7.01 13.10 3.93
C THR A 216 5.71 12.87 4.71
N LEU A 217 5.76 12.00 5.71
CA LEU A 217 4.59 11.78 6.56
C LEU A 217 4.13 13.11 7.18
N ALA A 218 5.06 13.89 7.74
CA ALA A 218 4.68 15.15 8.38
C ALA A 218 4.10 16.14 7.40
N ALA A 219 4.66 16.17 6.19
CA ALA A 219 4.18 17.12 5.19
C ALA A 219 2.76 16.75 4.73
N VAL A 220 2.53 15.46 4.54
CA VAL A 220 1.22 14.97 4.11
C VAL A 220 0.20 15.24 5.23
N ARG A 221 0.63 15.06 6.47
CA ARG A 221 -0.24 15.28 7.59
C ARG A 221 -0.82 16.70 7.63
N GLU A 222 -0.08 17.67 7.09
N GLU A 222 -0.09 17.68 7.09
CA GLU A 222 -0.53 19.07 7.05
CA GLU A 222 -0.57 19.06 7.06
C GLU A 222 -1.74 19.31 6.14
C GLU A 222 -1.82 19.23 6.22
N VAL A 223 -1.96 18.44 5.15
CA VAL A 223 -3.12 18.58 4.26
C VAL A 223 -4.17 17.48 4.42
N TRP A 224 -3.82 16.36 5.03
CA TRP A 224 -4.72 15.24 5.14
C TRP A 224 -5.55 15.41 6.40
N PRO A 225 -6.89 15.32 6.32
CA PRO A 225 -7.72 15.58 7.48
C PRO A 225 -7.44 14.69 8.68
N GLU A 226 -7.41 15.30 9.86
N GLU A 226 -7.46 15.27 9.87
CA GLU A 226 -7.21 14.60 11.12
CA GLU A 226 -7.13 14.49 11.07
C GLU A 226 -8.17 13.42 11.27
C GLU A 226 -8.20 13.44 11.36
N ASN A 227 -9.41 13.62 10.83
CA ASN A 227 -10.49 12.66 11.07
C ASN A 227 -10.57 11.49 10.09
N LEU A 228 -9.62 11.41 9.15
CA LEU A 228 -9.56 10.31 8.19
C LEU A 228 -8.27 9.55 8.40
N PRO A 229 -8.32 8.20 8.38
CA PRO A 229 -7.09 7.44 8.59
C PRO A 229 -5.95 7.79 7.65
N LEU A 230 -4.78 7.95 8.28
CA LEU A 230 -3.51 8.21 7.63
C LEU A 230 -2.63 6.98 7.86
N THR A 231 -2.32 6.25 6.80
CA THR A 231 -1.65 4.96 6.92
C THR A 231 -0.45 4.90 6.00
N ALA A 232 0.36 3.85 6.16
CA ALA A 232 1.49 3.62 5.30
C ALA A 232 1.70 2.12 5.17
N ARG A 233 2.32 1.75 4.07
CA ARG A 233 2.84 0.41 3.86
C ARG A 233 4.34 0.45 3.95
N PHE A 234 4.92 -0.48 4.70
CA PHE A 234 6.35 -0.45 4.93
C PHE A 234 6.90 -1.86 5.00
N GLY A 235 8.02 -2.11 4.32
CA GLY A 235 8.66 -3.41 4.37
C GLY A 235 9.55 -3.49 5.59
N VAL A 236 9.21 -4.36 6.54
CA VAL A 236 9.86 -4.35 7.84
C VAL A 236 11.06 -5.29 7.92
N LEU A 237 11.21 -6.17 6.95
CA LEU A 237 12.41 -7.00 6.82
C LEU A 237 12.56 -7.40 5.36
N GLU A 238 13.76 -7.89 5.01
CA GLU A 238 14.12 -8.24 3.63
C GLU A 238 14.31 -9.72 3.39
N TYR A 239 14.51 -10.51 4.45
CA TYR A 239 14.93 -11.89 4.32
C TYR A 239 16.28 -11.97 3.59
N ASP A 240 17.20 -11.10 4.04
CA ASP A 240 18.51 -10.92 3.44
C ASP A 240 19.64 -11.28 4.40
N GLY A 241 19.35 -12.06 5.43
CA GLY A 241 20.35 -12.44 6.40
C GLY A 241 20.62 -11.40 7.49
N ARG A 242 19.88 -10.30 7.46
N ARG A 242 19.88 -10.29 7.44
CA ARG A 242 20.02 -9.24 8.46
CA ARG A 242 20.02 -9.20 8.41
C ARG A 242 18.69 -8.97 9.14
C ARG A 242 18.68 -8.95 9.13
N ASP A 243 17.87 -10.00 9.28
CA ASP A 243 16.49 -9.81 9.71
C ASP A 243 16.31 -9.27 11.12
N GLU A 244 17.05 -9.78 12.11
CA GLU A 244 16.79 -9.28 13.46
C GLU A 244 17.14 -7.78 13.58
N GLN A 245 18.27 -7.36 13.04
CA GLN A 245 18.68 -5.98 13.10
CA GLN A 245 18.64 -5.95 13.14
C GLN A 245 17.70 -5.08 12.30
N THR A 246 17.29 -5.57 11.14
CA THR A 246 16.39 -4.79 10.27
C THR A 246 15.01 -4.67 10.94
N LEU A 247 14.51 -5.75 11.52
CA LEU A 247 13.22 -5.65 12.17
CA LEU A 247 13.24 -5.70 12.23
C LEU A 247 13.26 -4.71 13.38
N GLU A 248 14.36 -4.71 14.13
N GLU A 248 14.34 -4.72 14.15
CA GLU A 248 14.50 -3.79 15.26
CA GLU A 248 14.47 -3.79 15.28
C GLU A 248 14.41 -2.35 14.79
C GLU A 248 14.40 -2.34 14.79
N GLU A 249 15.11 -2.03 13.70
CA GLU A 249 15.08 -0.67 13.16
C GLU A 249 13.70 -0.33 12.62
N SER A 250 13.07 -1.29 11.94
CA SER A 250 11.74 -1.05 11.38
C SER A 250 10.71 -0.78 12.47
N ILE A 251 10.82 -1.47 13.59
CA ILE A 251 9.91 -1.26 14.70
C ILE A 251 10.14 0.13 15.32
N GLU A 252 11.41 0.54 15.43
CA GLU A 252 11.68 1.89 15.92
C GLU A 252 11.06 2.94 14.98
N LEU A 253 11.20 2.74 13.67
CA LEU A 253 10.59 3.66 12.73
C LEU A 253 9.07 3.66 12.87
N ALA A 254 8.47 2.48 13.06
CA ALA A 254 7.04 2.40 13.28
C ALA A 254 6.60 3.21 14.49
N ARG A 255 7.40 3.19 15.56
CA ARG A 255 7.09 4.00 16.73
C ARG A 255 7.09 5.48 16.38
N ARG A 256 8.05 5.89 15.55
CA ARG A 256 8.11 7.29 15.13
C ARG A 256 6.95 7.65 14.21
N PHE A 257 6.51 6.73 13.35
CA PHE A 257 5.34 6.96 12.51
C PHE A 257 4.12 7.16 13.40
N LYS A 258 3.96 6.30 14.41
CA LYS A 258 2.82 6.44 15.32
C LYS A 258 2.83 7.81 16.00
N ALA A 259 3.99 8.21 16.50
CA ALA A 259 4.14 9.49 17.17
C ALA A 259 3.87 10.64 16.21
N GLY A 260 4.07 10.41 14.91
CA GLY A 260 3.79 11.41 13.89
C GLY A 260 2.41 11.34 13.27
N GLY A 261 1.50 10.62 13.92
CA GLY A 261 0.11 10.65 13.50
C GLY A 261 -0.35 9.49 12.61
N LEU A 262 0.49 8.49 12.39
CA LEU A 262 0.05 7.33 11.62
C LEU A 262 -0.98 6.51 12.40
N ASP A 263 -2.09 6.17 11.75
CA ASP A 263 -3.19 5.46 12.40
C ASP A 263 -3.10 3.94 12.29
N LEU A 264 -2.45 3.44 11.23
CA LEU A 264 -2.37 2.01 10.98
C LEU A 264 -1.21 1.79 10.03
N LEU A 265 -0.51 0.67 10.23
CA LEU A 265 0.61 0.29 9.38
C LEU A 265 0.29 -1.01 8.63
N SER A 266 0.46 -0.99 7.31
CA SER A 266 0.39 -2.18 6.50
C SER A 266 1.81 -2.78 6.46
N VAL A 267 1.96 -3.94 7.11
CA VAL A 267 3.26 -4.55 7.37
C VAL A 267 3.57 -5.46 6.19
N SER A 268 4.68 -5.21 5.50
CA SER A 268 5.05 -5.96 4.33
C SER A 268 6.52 -6.35 4.36
N VAL A 269 7.04 -6.79 3.20
CA VAL A 269 8.44 -7.16 3.01
C VAL A 269 9.09 -6.06 2.17
N GLY A 270 10.40 -5.88 2.33
CA GLY A 270 11.06 -4.78 1.63
C GLY A 270 11.19 -4.90 0.13
N PHE A 271 11.55 -6.09 -0.36
CA PHE A 271 11.85 -6.27 -1.78
C PHE A 271 12.85 -5.24 -2.30
N THR A 272 13.82 -4.87 -1.48
CA THR A 272 14.72 -3.78 -1.84
C THR A 272 15.79 -4.24 -2.81
N ILE A 273 16.20 -5.49 -2.65
CA ILE A 273 17.23 -6.10 -3.46
C ILE A 273 16.77 -7.50 -3.90
N PRO A 274 17.37 -8.03 -4.96
CA PRO A 274 16.94 -9.35 -5.44
C PRO A 274 17.48 -10.55 -4.68
N ASP A 275 18.61 -10.39 -4.00
CA ASP A 275 19.26 -11.57 -3.42
C ASP A 275 18.71 -11.86 -2.02
N THR A 276 17.56 -12.51 -1.97
CA THR A 276 16.88 -12.77 -0.70
C THR A 276 16.27 -14.18 -0.70
N ASN A 277 15.73 -14.58 0.45
CA ASN A 277 15.11 -15.89 0.59
CA ASN A 277 15.12 -15.89 0.62
C ASN A 277 13.81 -15.77 1.40
N ILE A 278 12.78 -15.27 0.74
CA ILE A 278 11.51 -15.01 1.37
C ILE A 278 10.75 -16.34 1.56
N PRO A 279 10.31 -16.66 2.78
CA PRO A 279 9.67 -17.96 3.04
C PRO A 279 8.18 -17.96 2.75
N TRP A 280 7.83 -17.82 1.47
CA TRP A 280 6.44 -17.78 1.05
C TRP A 280 5.66 -18.95 1.62
N GLY A 281 4.45 -18.67 2.09
CA GLY A 281 3.57 -19.69 2.60
C GLY A 281 2.34 -19.06 3.22
N PRO A 282 1.38 -19.90 3.60
CA PRO A 282 0.12 -19.38 4.15
C PRO A 282 0.35 -18.57 5.42
N ALA A 283 -0.17 -17.34 5.42
CA ALA A 283 -0.12 -16.48 6.60
C ALA A 283 1.30 -16.27 7.14
N PHE A 284 2.32 -16.34 6.30
CA PHE A 284 3.68 -16.31 6.81
C PHE A 284 4.04 -15.02 7.52
N MET A 285 3.38 -13.92 7.17
CA MET A 285 3.65 -12.63 7.78
CA MET A 285 3.65 -12.62 7.77
C MET A 285 2.98 -12.42 9.13
N GLY A 286 2.11 -13.34 9.52
CA GLY A 286 1.37 -13.20 10.77
C GLY A 286 2.21 -12.90 12.00
N PRO A 287 3.24 -13.74 12.27
CA PRO A 287 4.08 -13.48 13.44
C PRO A 287 4.86 -12.15 13.40
N ILE A 288 5.27 -11.75 12.21
CA ILE A 288 5.99 -10.48 12.07
C ILE A 288 5.02 -9.32 12.27
N ALA A 289 3.85 -9.37 11.67
CA ALA A 289 2.86 -8.34 11.89
C ALA A 289 2.48 -8.21 13.37
N GLU A 290 2.34 -9.34 14.05
CA GLU A 290 1.97 -9.35 15.46
CA GLU A 290 1.97 -9.33 15.46
C GLU A 290 3.07 -8.68 16.29
N ARG A 291 4.33 -8.95 15.97
CA ARG A 291 5.43 -8.33 16.70
C ARG A 291 5.45 -6.80 16.52
N VAL A 292 5.21 -6.34 15.30
CA VAL A 292 5.17 -4.91 15.07
C VAL A 292 3.99 -4.30 15.84
N ARG A 293 2.83 -4.93 15.75
CA ARG A 293 1.65 -4.46 16.45
C ARG A 293 1.92 -4.31 17.93
N ARG A 294 2.55 -5.32 18.52
CA ARG A 294 2.85 -5.35 19.95
CA ARG A 294 2.80 -5.32 19.94
C ARG A 294 3.92 -4.35 20.36
N GLU A 295 5.02 -4.33 19.62
CA GLU A 295 6.18 -3.53 20.01
C GLU A 295 6.11 -2.05 19.64
N ALA A 296 5.32 -1.74 18.62
CA ALA A 296 5.05 -0.35 18.26
C ALA A 296 3.70 0.16 18.77
N LYS A 297 2.84 -0.74 19.23
CA LYS A 297 1.52 -0.38 19.76
C LYS A 297 0.69 0.37 18.72
N LEU A 298 0.62 -0.21 17.54
CA LEU A 298 -0.04 0.41 16.41
C LEU A 298 -0.90 -0.66 15.72
N PRO A 299 -2.12 -0.29 15.28
CA PRO A 299 -2.90 -1.25 14.49
C PRO A 299 -2.17 -1.62 13.21
N VAL A 300 -2.37 -2.86 12.75
CA VAL A 300 -1.71 -3.34 11.55
C VAL A 300 -2.64 -4.13 10.63
N THR A 301 -2.24 -4.17 9.35
CA THR A 301 -2.75 -5.16 8.41
C THR A 301 -1.54 -5.82 7.77
N SER A 302 -1.80 -6.95 7.12
CA SER A 302 -0.80 -7.57 6.29
C SER A 302 -1.53 -8.42 5.25
N ALA A 303 -0.74 -9.05 4.39
CA ALA A 303 -1.25 -9.77 3.23
C ALA A 303 -0.26 -10.90 2.96
N TRP A 304 -0.19 -11.38 1.73
CA TRP A 304 0.80 -12.37 1.30
C TRP A 304 0.51 -13.75 1.84
N GLY A 305 -0.71 -14.23 1.58
CA GLY A 305 -1.12 -15.57 1.98
C GLY A 305 -2.18 -15.67 3.05
N PHE A 306 -2.97 -14.62 3.31
CA PHE A 306 -4.10 -14.74 4.24
C PHE A 306 -5.42 -15.01 3.55
N GLY A 307 -5.39 -15.25 2.25
CA GLY A 307 -6.61 -15.35 1.47
C GLY A 307 -7.40 -16.63 1.49
N THR A 308 -7.63 -17.16 2.70
N THR A 308 -7.58 -17.20 2.68
CA THR A 308 -8.54 -18.28 2.96
CA THR A 308 -8.61 -18.20 2.91
C THR A 308 -9.36 -17.85 4.18
C THR A 308 -9.41 -17.74 4.12
N PRO A 309 -10.69 -18.10 4.17
CA PRO A 309 -11.48 -17.55 5.29
C PRO A 309 -10.99 -17.95 6.68
N GLN A 310 -10.54 -19.19 6.85
CA GLN A 310 -10.07 -19.62 8.16
C GLN A 310 -8.75 -18.98 8.57
N LEU A 311 -7.86 -18.76 7.62
CA LEU A 311 -6.58 -18.10 7.92
CA LEU A 311 -6.60 -18.13 7.95
C LEU A 311 -6.84 -16.67 8.36
N ALA A 312 -7.73 -16.00 7.66
CA ALA A 312 -8.07 -14.62 8.00
C ALA A 312 -8.68 -14.54 9.41
N GLU A 313 -9.65 -15.41 9.68
CA GLU A 313 -10.30 -15.43 10.98
C GLU A 313 -9.30 -15.74 12.10
N ALA A 314 -8.43 -16.72 11.89
CA ALA A 314 -7.43 -17.08 12.90
C ALA A 314 -6.49 -15.91 13.22
N ALA A 315 -6.06 -15.19 12.20
CA ALA A 315 -5.15 -14.05 12.41
C ALA A 315 -5.79 -12.98 13.28
N LEU A 316 -7.07 -12.70 13.05
CA LEU A 316 -7.80 -11.71 13.83
C LEU A 316 -8.01 -12.18 15.25
N GLN A 317 -8.43 -13.42 15.43
CA GLN A 317 -8.70 -13.93 16.77
CA GLN A 317 -8.70 -13.90 16.77
C GLN A 317 -7.43 -13.98 17.62
N ALA A 318 -6.28 -14.20 16.98
CA ALA A 318 -4.99 -14.23 17.68
C ALA A 318 -4.42 -12.83 17.90
N ASN A 319 -5.13 -11.81 17.47
CA ASN A 319 -4.66 -10.42 17.56
C ASN A 319 -3.30 -10.23 16.89
N GLN A 320 -3.11 -10.91 15.77
CA GLN A 320 -1.94 -10.66 14.93
C GLN A 320 -2.17 -9.46 14.03
N LEU A 321 -3.42 -9.26 13.63
CA LEU A 321 -3.84 -8.24 12.67
C LEU A 321 -5.10 -7.57 13.17
N ASP A 322 -5.33 -6.32 12.73
CA ASP A 322 -6.61 -5.63 12.92
C ASP A 322 -7.52 -5.70 11.70
N LEU A 323 -6.92 -5.72 10.51
CA LEU A 323 -7.61 -5.94 9.24
C LEU A 323 -6.83 -6.97 8.48
N VAL A 324 -7.53 -7.78 7.67
CA VAL A 324 -6.88 -8.78 6.85
C VAL A 324 -6.98 -8.34 5.41
N SER A 325 -5.84 -8.15 4.76
CA SER A 325 -5.81 -7.78 3.36
C SER A 325 -5.79 -9.03 2.50
N VAL A 326 -6.71 -9.08 1.54
CA VAL A 326 -6.90 -10.23 0.67
C VAL A 326 -6.87 -9.72 -0.78
N GLY A 327 -5.79 -10.05 -1.49
CA GLY A 327 -5.52 -9.55 -2.82
C GLY A 327 -5.91 -10.47 -3.97
N ARG A 328 -5.06 -11.45 -4.27
CA ARG A 328 -5.31 -12.29 -5.43
C ARG A 328 -6.65 -13.01 -5.40
N ALA A 329 -7.11 -13.40 -4.22
CA ALA A 329 -8.42 -14.08 -4.15
C ALA A 329 -9.55 -13.20 -4.69
N HIS A 330 -9.39 -11.88 -4.57
CA HIS A 330 -10.37 -10.94 -5.11
C HIS A 330 -10.27 -10.74 -6.63
N LEU A 331 -9.10 -10.99 -7.21
CA LEU A 331 -8.98 -11.01 -8.67
C LEU A 331 -9.68 -12.26 -9.20
N ALA A 332 -9.51 -13.37 -8.51
CA ALA A 332 -10.17 -14.59 -8.90
C ALA A 332 -11.69 -14.51 -8.73
N ASP A 333 -12.15 -13.94 -7.62
CA ASP A 333 -13.57 -13.84 -7.28
C ASP A 333 -13.82 -12.49 -6.63
N PRO A 334 -14.40 -11.52 -7.38
CA PRO A 334 -14.65 -10.21 -6.77
C PRO A 334 -15.60 -10.26 -5.58
N HIS A 335 -16.37 -11.35 -5.45
CA HIS A 335 -17.28 -11.53 -4.33
C HIS A 335 -16.68 -12.42 -3.24
N TRP A 336 -15.36 -12.42 -3.10
CA TRP A 336 -14.70 -13.24 -2.09
C TRP A 336 -15.29 -13.04 -0.68
N ALA A 337 -15.66 -11.80 -0.34
CA ALA A 337 -16.19 -11.55 1.00
C ALA A 337 -17.46 -12.37 1.26
N TYR A 338 -18.31 -12.55 0.25
CA TYR A 338 -19.48 -13.38 0.36
C TYR A 338 -19.09 -14.84 0.54
N PHE A 339 -18.12 -15.30 -0.26
CA PHE A 339 -17.58 -16.63 -0.08
C PHE A 339 -17.09 -16.87 1.36
N ALA A 340 -16.38 -15.89 1.89
CA ALA A 340 -15.84 -15.99 3.26
C ALA A 340 -16.95 -16.03 4.32
N ALA A 341 -17.99 -15.22 4.11
CA ALA A 341 -19.12 -15.18 5.03
C ALA A 341 -19.79 -16.56 5.05
N LYS A 342 -19.95 -17.17 3.89
CA LYS A 342 -20.57 -18.49 3.82
C LYS A 342 -19.71 -19.53 4.53
N GLU A 343 -18.42 -19.47 4.28
CA GLU A 343 -17.48 -20.44 4.85
C GLU A 343 -17.42 -20.36 6.36
N LEU A 344 -17.54 -19.15 6.90
CA LEU A 344 -17.44 -18.93 8.34
C LEU A 344 -18.80 -19.04 9.02
N GLY A 345 -19.86 -19.30 8.25
CA GLY A 345 -21.16 -19.55 8.83
C GLY A 345 -21.86 -18.32 9.37
N VAL A 346 -21.55 -17.16 8.79
CA VAL A 346 -22.19 -15.92 9.16
C VAL A 346 -23.67 -15.98 8.82
N GLU A 347 -24.50 -15.49 9.74
CA GLU A 347 -25.94 -15.46 9.48
CA GLU A 347 -25.94 -15.46 9.48
C GLU A 347 -26.24 -14.50 8.32
N LYS A 348 -27.17 -14.91 7.47
CA LYS A 348 -27.58 -14.11 6.30
C LYS A 348 -26.34 -13.71 5.49
N ALA A 349 -25.53 -14.72 5.19
CA ALA A 349 -24.27 -14.50 4.49
C ALA A 349 -24.47 -13.82 3.14
N SER A 350 -25.55 -14.11 2.44
CA SER A 350 -25.72 -13.54 1.09
C SER A 350 -25.90 -12.03 1.15
N TRP A 351 -26.35 -11.50 2.29
CA TRP A 351 -26.52 -10.05 2.45
C TRP A 351 -25.20 -9.30 2.70
N THR A 352 -24.08 -10.02 2.61
CA THR A 352 -22.79 -9.35 2.37
CA THR A 352 -22.78 -9.40 2.35
C THR A 352 -22.82 -8.64 1.02
N LEU A 353 -23.64 -9.14 0.08
CA LEU A 353 -23.81 -8.53 -1.24
C LEU A 353 -25.03 -7.63 -1.27
N PRO A 354 -25.15 -6.75 -2.29
CA PRO A 354 -26.35 -5.90 -2.42
C PRO A 354 -27.60 -6.73 -2.76
N ALA A 355 -28.77 -6.16 -2.50
CA ALA A 355 -30.06 -6.84 -2.67
C ALA A 355 -30.26 -7.60 -4.01
N PRO A 356 -29.90 -7.01 -5.16
CA PRO A 356 -30.16 -7.70 -6.43
C PRO A 356 -29.40 -8.99 -6.59
N TYR A 357 -28.40 -9.22 -5.74
CA TYR A 357 -27.71 -10.51 -5.66
C TYR A 357 -28.17 -11.29 -4.42
N ALA A 358 -28.16 -10.61 -3.27
CA ALA A 358 -28.40 -11.26 -1.98
C ALA A 358 -29.71 -12.01 -1.93
N HIS A 359 -30.77 -11.43 -2.48
CA HIS A 359 -32.08 -12.02 -2.36
C HIS A 359 -32.12 -13.43 -2.94
N TRP A 360 -31.41 -13.64 -4.03
CA TRP A 360 -31.46 -14.90 -4.77
C TRP A 360 -30.52 -15.96 -4.26
N LEU A 361 -29.58 -15.54 -3.42
CA LEU A 361 -28.53 -16.44 -2.96
C LEU A 361 -28.76 -16.89 -1.51
N GLU A 362 -29.84 -16.44 -0.89
CA GLU A 362 -30.13 -16.83 0.49
C GLU A 362 -30.72 -18.23 0.59
C9A FNR B . 0.02 -6.22 -5.89
N10 FNR B . 0.61 -5.75 -4.70
CAA FNR B . 0.74 -4.34 -4.51
N1 FNR B . 1.16 -3.86 -3.37
C2 FNR B . 1.22 -2.58 -3.21
O2 FNR B . 1.63 -2.09 -2.12
N3 FNR B . 0.76 -1.73 -4.21
C4 FNR B . 0.33 -2.14 -5.35
O4 FNR B . -0.16 -1.36 -6.16
C4A FNR B . 0.44 -3.51 -5.63
N5 FNR B . 0.12 -4.02 -6.88
C5A FNR B . -0.18 -5.35 -6.95
C6 FNR B . -0.82 -5.85 -8.19
C7 FNR B . -1.27 -7.20 -8.25
C7M FNR B . -2.09 -7.60 -9.43
C8 FNR B . -1.03 -8.05 -7.18
C8M FNR B . -1.45 -9.46 -7.26
C9 FNR B . -0.38 -7.61 -6.03
C1' FNR B . 0.66 -6.61 -3.52
C2' FNR B . -0.70 -6.89 -2.92
O2' FNR B . -1.22 -5.72 -2.28
C3' FNR B . -0.69 -8.01 -1.88
O3' FNR B . 0.26 -7.69 -0.86
C4' FNR B . -0.31 -9.37 -2.47
O4' FNR B . -1.19 -9.67 -3.59
C5' FNR B . -0.32 -10.49 -1.40
O5' FNR B . -1.67 -10.70 -0.91
P FNR B . -2.50 -12.01 -1.41
O1P FNR B . -2.55 -11.89 -2.95
O2P FNR B . -1.75 -13.25 -0.97
O3P FNR B . -3.87 -11.83 -0.72
H3 FNR B . 0.78 -0.71 -4.02
H5 FNR B . -0.18 -3.38 -7.64
H7 FNR B . -0.96 -5.19 -9.03
H7M1 FNR B . -3.11 -7.69 -9.14
H7M2 FNR B . -1.76 -8.54 -9.80
H7M3 FNR B . -2.00 -6.88 -10.20
H8M1 FNR B . -0.97 -9.93 -8.09
H8M2 FNR B . -1.15 -9.97 -6.37
H8M3 FNR B . -2.49 -9.52 -7.37
H9 FNR B . -0.16 -8.32 -5.25
H1'1 FNR B . 1.29 -6.13 -2.76
H1'2 FNR B . 1.14 -7.56 -3.77
H6 FNR B . -1.38 -7.19 -3.74
H2' FNR B . -1.16 -4.96 -2.90
H4 FNR B . -1.69 -8.10 -1.45
H3' FNR B . 0.09 -6.80 -0.53
H2 FNR B . 0.72 -9.29 -2.84
H4' FNR B . -1.21 -8.90 -4.18
H5'1 FNR B . 0.34 -10.21 -0.58
H5'2 FNR B . 0.06 -11.42 -1.85
C1 COU C . 3.68 -3.23 -5.69
C2 COU C . 3.38 -2.86 -7.02
C3 COU C . 3.12 -3.85 -7.97
C4 COU C . 3.16 -5.19 -7.57
C5 COU C . 2.91 -6.24 -8.45
C6 COU C . 2.95 -7.56 -8.00
C7 COU C . 3.25 -7.85 -6.68
C8 COU C . 3.51 -6.81 -5.80
C9 COU C . 3.46 -5.51 -6.25
O1 COU C . 3.91 -2.49 -4.79
O2 COU C . 3.72 -4.55 -5.34
H2 COU C . 3.36 -1.82 -7.29
H3 COU C . 2.89 -3.59 -9.00
H5 COU C . 2.67 -6.03 -9.49
H6 COU C . 2.76 -8.36 -8.70
H7 COU C . 3.29 -8.87 -6.34
H8 COU C . 3.74 -7.03 -4.76
C1 COU D . 2.23 -14.21 -2.46
C2 COU D . 2.97 -15.16 -3.16
C3 COU D . 3.20 -14.99 -4.53
C4 COU D . 2.70 -13.87 -5.17
C5 COU D . 2.92 -13.67 -6.53
C6 COU D . 2.41 -12.54 -7.16
C7 COU D . 1.68 -11.60 -6.44
C8 COU D . 1.46 -11.81 -5.08
C9 COU D . 1.96 -12.93 -4.45
O1 COU D . 2.00 -14.33 -1.24
O2 COU D . 1.75 -13.13 -3.11
H2 COU D . 3.36 -16.04 -2.65
H3 COU D . 3.77 -15.73 -5.08
H5 COU D . 3.48 -14.40 -7.10
H6 COU D . 2.57 -12.39 -8.22
H7 COU D . 1.28 -10.73 -6.93
H8 COU D . 0.89 -11.08 -4.52
C1 COU E . 7.12 -5.71 -6.59
C2 COU E . 7.27 -6.04 -5.24
C3 COU E . 7.00 -7.34 -4.82
C4 COU E . 6.61 -8.31 -5.74
C5 COU E . 6.34 -9.61 -5.32
C6 COU E . 5.93 -10.56 -6.24
C7 COU E . 5.79 -10.21 -7.58
C8 COU E . 6.05 -8.91 -8.00
C9 COU E . 6.46 -7.95 -7.08
O1 COU E . 7.36 -4.50 -6.99
O2 COU E . 6.72 -6.67 -7.49
H2 COU E . 7.59 -5.29 -4.53
H3 COU E . 7.12 -7.61 -3.78
H5 COU E . 6.46 -9.87 -4.28
H6 COU E . 5.73 -11.57 -5.93
H7 COU E . 5.48 -10.95 -8.30
H8 COU E . 5.94 -8.64 -9.04
C1 COU F . -11.01 -1.84 -21.25
C2 COU F . -12.23 -2.32 -20.80
C3 COU F . -12.43 -3.69 -20.72
C4 COU F . -11.45 -4.57 -21.07
C5 COU F . -11.70 -5.92 -20.96
C6 COU F . -10.71 -6.84 -21.32
C7 COU F . -9.48 -6.36 -21.77
C8 COU F . -9.24 -5.00 -21.88
C9 COU F . -10.23 -4.09 -21.52
O1 COU F . -10.83 -0.62 -21.32
O2 COU F . -10.03 -2.74 -21.60
H2 COU F . -13.02 -1.63 -20.51
H3 COU F . -13.39 -4.06 -20.36
H5 COU F . -12.66 -6.28 -20.61
H6 COU F . -10.90 -7.90 -21.24
H7 COU F . -8.72 -7.07 -22.05
H8 COU F . -8.28 -4.64 -22.23
S SO4 G . 2.01 1.53 -23.89
O1 SO4 G . 0.68 1.56 -23.27
O2 SO4 G . 2.86 0.60 -23.15
O3 SO4 G . 1.90 1.10 -25.27
O4 SO4 G . 2.59 2.88 -23.83
S SO4 H . -27.33 -17.54 3.81
O1 SO4 H . -28.78 -17.33 3.90
O2 SO4 H . -26.72 -17.42 5.15
O3 SO4 H . -27.08 -18.88 3.29
O4 SO4 H . -26.78 -16.56 2.88
S SO4 I . 16.50 13.96 13.85
O1 SO4 I . 16.46 14.21 15.28
O2 SO4 I . 16.04 12.61 13.57
O3 SO4 I . 15.64 14.92 13.16
O4 SO4 I . 17.88 14.11 13.36
#